data_5RC1
#
_entry.id   5RC1
#
_cell.length_a   45.341
_cell.length_b   73.185
_cell.length_c   52.587
_cell.angle_alpha   90.000
_cell.angle_beta   109.330
_cell.angle_gamma   90.000
#
_symmetry.space_group_name_H-M   'P 1 21 1'
#
loop_
_entity.id
_entity.type
_entity.pdbx_description
1 polymer Endothiapepsin
2 non-polymer 1-(1-methyl-1,2,3,4-tetrahydroquinolin-6-yl)methanamine
3 non-polymer 'DIMETHYL SULFOXIDE'
4 non-polymer GLYCEROL
5 non-polymer 'ACETATE ION'
6 non-polymer 'TETRAETHYLENE GLYCOL'
7 non-polymer 'SODIUM ION'
8 water water
#
_entity_poly.entity_id   1
_entity_poly.type   'polypeptide(L)'
_entity_poly.pdbx_seq_one_letter_code
;MSSPLKNALVTAMLAGGALSSPTKQHVGIPVNASPEVGPGKYSFKQVRNPNYKFNGPLSVKKTYLKYGVPIPAWLEDAVQ
NSTSGLAERSTGSATTTPIDSLDDAYITPVQIGTPAQTLNLDFDTGSSDLWVFSSETTASEVDGQTIYTPSKSTTAKLLS
GATWSISYGDGSSSSGDVYTDTVSVGGLTVTGQAVESAKKVSSSFTEDSTIDGLLGLAFSTLNTVSPTQQKTFFDNAKAS
LDSPVFTADLGYHAPGTYNFGFIDTTAYTGSITYTAVSTKQGFWEWTSTGYAVGSGTFKSTSIDGIADTGTTLLYLPATV
VSAYWAQVSGAKSSSSVGGYVFPCSATLPSFTFGVGSARIVIPGDYIDFGPISTGSSSCFGGIQSSAGIGINIFGDVALK
AAFVVFNGATTPTLGFASK
;
_entity_poly.pdbx_strand_id   A
#
# COMPACT_ATOMS: atom_id res chain seq x y z
N SER A 90 -24.80 -3.58 3.78
CA SER A 90 -24.32 -2.44 2.93
C SER A 90 -23.08 -2.90 2.17
N THR A 91 -22.75 -2.16 1.13
CA THR A 91 -21.51 -2.41 0.36
C THR A 91 -20.97 -1.04 -0.06
N GLY A 92 -19.73 -1.01 -0.53
CA GLY A 92 -19.19 0.18 -1.21
C GLY A 92 -18.27 -0.25 -2.30
N SER A 93 -18.04 0.58 -3.30
CA SER A 93 -17.19 0.24 -4.46
C SER A 93 -16.58 1.54 -4.98
N ALA A 94 -15.27 1.65 -4.97
CA ALA A 94 -14.60 2.89 -5.41
C ALA A 94 -13.48 2.52 -6.36
N THR A 95 -13.22 3.39 -7.31
CA THR A 95 -12.14 3.21 -8.25
C THR A 95 -10.86 3.77 -7.64
N THR A 96 -9.74 3.06 -7.83
CA THR A 96 -8.41 3.47 -7.34
C THR A 96 -7.53 3.71 -8.56
N THR A 97 -6.76 4.80 -8.58
CA THR A 97 -6.09 5.29 -9.81
C THR A 97 -4.60 5.47 -9.48
N PRO A 98 -3.68 5.03 -10.36
N PRO A 98 -3.67 4.93 -10.31
N PRO A 98 -3.69 5.03 -10.37
N PRO A 98 -3.66 4.89 -10.27
CA PRO A 98 -2.26 5.23 -10.10
CA PRO A 98 -2.24 5.22 -10.11
CA PRO A 98 -2.27 5.26 -10.11
CA PRO A 98 -2.25 5.23 -10.10
C PRO A 98 -1.93 6.74 -10.11
C PRO A 98 -1.93 6.72 -10.11
C PRO A 98 -1.94 6.75 -10.10
C PRO A 98 -1.93 6.72 -10.10
N ILE A 99 -1.03 7.17 -9.22
CA ILE A 99 -0.71 8.62 -9.10
C ILE A 99 0.25 9.04 -10.23
N ASP A 100 0.94 8.14 -10.90
CA ASP A 100 1.93 8.46 -11.95
C ASP A 100 2.09 7.28 -12.86
N SER A 101 2.99 7.42 -13.84
CA SER A 101 3.18 6.46 -14.94
C SER A 101 3.86 5.17 -14.46
N LEU A 102 4.36 5.14 -13.24
CA LEU A 102 5.12 3.98 -12.68
C LEU A 102 4.23 3.21 -11.71
N ASP A 103 2.99 3.62 -11.43
CA ASP A 103 2.16 3.01 -10.35
C ASP A 103 2.89 3.12 -8.99
N ASP A 104 3.48 4.28 -8.67
N ASP A 104 3.46 4.29 -8.70
N ASP A 104 3.46 4.27 -8.66
N ASP A 104 3.46 4.27 -8.66
CA ASP A 104 4.23 4.46 -7.40
CA ASP A 104 4.25 4.54 -7.47
CA ASP A 104 4.20 4.41 -7.37
CA ASP A 104 4.21 4.41 -7.38
C ASP A 104 3.28 4.31 -6.22
C ASP A 104 3.34 4.50 -6.23
C ASP A 104 3.22 4.26 -6.21
C ASP A 104 3.22 4.25 -6.20
N ALA A 105 2.01 4.69 -6.40
N ALA A 105 2.03 4.69 -6.45
N ALA A 105 1.98 4.65 -6.41
N ALA A 105 1.98 4.65 -6.41
CA ALA A 105 0.93 4.49 -5.41
CA ALA A 105 0.96 4.53 -5.43
CA ALA A 105 0.92 4.57 -5.39
CA ALA A 105 0.92 4.57 -5.39
C ALA A 105 -0.40 4.64 -6.14
C ALA A 105 -0.39 4.67 -6.13
C ALA A 105 -0.40 4.73 -6.11
C ALA A 105 -0.40 4.73 -6.11
N TYR A 106 -1.49 4.42 -5.41
CA TYR A 106 -2.84 4.50 -5.94
C TYR A 106 -3.70 5.37 -5.02
N ILE A 107 -4.49 6.24 -5.58
CA ILE A 107 -5.40 7.11 -4.81
C ILE A 107 -6.84 6.76 -5.10
N THR A 108 -7.67 6.91 -4.08
CA THR A 108 -9.10 6.55 -4.09
C THR A 108 -9.85 7.73 -3.50
N PRO A 109 -10.90 8.25 -4.13
CA PRO A 109 -11.64 9.37 -3.55
C PRO A 109 -12.48 8.93 -2.35
N VAL A 110 -12.42 9.77 -1.32
CA VAL A 110 -13.08 9.54 -0.02
C VAL A 110 -13.81 10.81 0.37
N GLN A 111 -15.10 10.69 0.71
CA GLN A 111 -15.93 11.83 1.16
C GLN A 111 -15.85 11.93 2.70
N ILE A 112 -15.47 13.10 3.14
CA ILE A 112 -15.34 13.37 4.60
C ILE A 112 -16.21 14.57 4.95
N GLY A 113 -17.04 14.46 5.96
CA GLY A 113 -17.77 15.62 6.50
C GLY A 113 -19.07 15.92 5.80
N THR A 114 -19.70 17.00 6.27
CA THR A 114 -21.05 17.45 5.78
C THR A 114 -21.01 18.96 5.64
N PRO A 115 -21.13 19.55 4.44
CA PRO A 115 -21.19 18.85 3.16
C PRO A 115 -19.87 18.14 2.89
N ALA A 116 -19.92 17.18 1.98
CA ALA A 116 -18.80 16.31 1.67
C ALA A 116 -17.61 17.14 1.25
N GLN A 117 -16.45 16.78 1.79
CA GLN A 117 -15.14 17.23 1.28
C GLN A 117 -14.47 15.98 0.71
N THR A 118 -14.13 15.98 -0.57
CA THR A 118 -13.59 14.78 -1.23
C THR A 118 -12.08 14.93 -1.24
N LEU A 119 -11.43 13.99 -0.62
CA LEU A 119 -9.97 13.89 -0.60
C LEU A 119 -9.53 12.58 -1.24
N ASN A 120 -8.41 12.60 -1.93
CA ASN A 120 -7.85 11.40 -2.57
C ASN A 120 -6.84 10.73 -1.66
N LEU A 121 -7.24 9.58 -1.13
CA LEU A 121 -6.39 8.93 -0.10
C LEU A 121 -5.74 7.67 -0.66
N ASP A 122 -4.56 7.36 -0.13
N ASP A 122 -4.55 7.36 -0.12
N ASP A 122 -4.59 7.36 -0.08
N ASP A 122 -4.59 7.36 -0.08
CA ASP A 122 -3.80 6.12 -0.43
CA ASP A 122 -3.79 6.12 -0.41
CA ASP A 122 -3.85 6.13 -0.38
CA ASP A 122 -3.85 6.12 -0.37
C ASP A 122 -4.27 5.04 0.55
C ASP A 122 -4.25 5.03 0.56
C ASP A 122 -4.33 5.03 0.59
C ASP A 122 -4.33 5.03 0.59
N PHE A 123 -5.05 4.07 0.07
CA PHE A 123 -5.57 2.96 0.91
C PHE A 123 -4.39 2.02 1.19
N ASP A 124 -3.99 1.88 2.46
N ASP A 124 -4.03 1.87 2.46
N ASP A 124 -4.20 1.74 2.47
N ASP A 124 -4.19 1.75 2.47
CA ASP A 124 -2.75 1.17 2.86
CA ASP A 124 -2.79 1.16 2.89
CA ASP A 124 -2.91 1.18 2.94
CA ASP A 124 -2.91 1.18 2.94
C ASP A 124 -3.06 0.01 3.82
C ASP A 124 -3.15 0.01 3.83
C ASP A 124 -3.24 -0.01 3.84
C ASP A 124 -3.24 -0.01 3.84
N THR A 125 -3.15 -1.23 3.32
CA THR A 125 -3.36 -2.44 4.13
C THR A 125 -2.19 -2.72 5.06
N GLY A 126 -1.13 -1.95 5.03
CA GLY A 126 -0.03 -2.07 6.00
C GLY A 126 -0.03 -1.06 7.12
N SER A 127 -1.08 -0.25 7.29
CA SER A 127 -1.16 0.66 8.44
C SER A 127 -2.61 0.85 8.82
N SER A 128 -2.86 1.51 9.94
CA SER A 128 -4.19 1.53 10.57
C SER A 128 -4.67 2.89 10.99
N ASP A 129 -4.15 3.95 10.38
CA ASP A 129 -4.53 5.35 10.65
C ASP A 129 -5.19 5.87 9.40
N LEU A 130 -6.27 6.61 9.57
CA LEU A 130 -6.88 7.41 8.48
C LEU A 130 -6.48 8.83 8.79
N TRP A 131 -5.51 9.36 8.07
CA TRP A 131 -5.02 10.71 8.34
C TRP A 131 -5.02 11.52 7.08
N VAL A 132 -5.25 12.81 7.22
CA VAL A 132 -5.44 13.75 6.09
C VAL A 132 -4.67 15.03 6.26
N PHE A 133 -4.18 15.56 5.17
CA PHE A 133 -3.85 17.00 5.09
C PHE A 133 -5.07 17.79 5.52
N SER A 134 -4.83 18.88 6.22
CA SER A 134 -5.94 19.61 6.81
C SER A 134 -5.64 21.10 6.85
N SER A 135 -6.63 21.83 7.33
CA SER A 135 -6.50 23.28 7.67
C SER A 135 -5.52 23.48 8.82
N GLU A 136 -5.15 22.45 9.53
CA GLU A 136 -4.19 22.54 10.66
C GLU A 136 -2.78 22.23 10.18
N THR A 137 -2.58 21.73 8.98
CA THR A 137 -1.23 21.29 8.55
C THR A 137 -0.34 22.54 8.38
N THR A 138 0.85 22.51 8.97
CA THR A 138 1.90 23.56 8.79
C THR A 138 1.89 24.01 7.34
N ALA A 139 1.73 25.30 7.07
CA ALA A 139 1.48 25.80 5.70
C ALA A 139 2.64 25.43 4.75
N SER A 140 3.89 25.54 5.21
CA SER A 140 5.08 25.24 4.40
C SER A 140 5.13 23.77 4.02
N GLU A 141 4.36 22.90 4.67
CA GLU A 141 4.34 21.43 4.43
C GLU A 141 3.20 21.04 3.52
N VAL A 142 2.43 21.98 3.03
CA VAL A 142 1.36 21.69 2.05
C VAL A 142 1.83 22.21 0.70
N ASP A 143 1.76 21.41 -0.36
CA ASP A 143 2.15 21.84 -1.72
C ASP A 143 1.22 21.19 -2.72
N GLY A 144 0.00 21.67 -2.80
CA GLY A 144 -0.94 21.22 -3.85
C GLY A 144 -1.96 20.21 -3.36
N GLN A 145 -1.83 19.66 -2.15
CA GLN A 145 -2.81 18.67 -1.64
C GLN A 145 -4.13 19.36 -1.37
N THR A 146 -5.23 18.63 -1.53
CA THR A 146 -6.54 19.07 -1.03
C THR A 146 -6.58 18.85 0.48
N ILE A 147 -7.11 19.80 1.22
CA ILE A 147 -7.11 19.74 2.70
C ILE A 147 -8.54 19.53 3.20
N TYR A 148 -8.62 18.77 4.30
CA TYR A 148 -9.85 18.67 5.12
C TYR A 148 -9.90 19.88 6.06
N THR A 149 -11.04 20.56 6.10
CA THR A 149 -11.27 21.71 7.00
C THR A 149 -12.41 21.33 7.95
N PRO A 150 -12.09 20.86 9.16
CA PRO A 150 -13.17 20.43 10.04
C PRO A 150 -14.17 21.53 10.40
N SER A 151 -13.71 22.76 10.46
CA SER A 151 -14.61 23.89 10.84
C SER A 151 -15.70 24.08 9.78
N LYS A 152 -15.54 23.56 8.57
CA LYS A 152 -16.56 23.65 7.51
C LYS A 152 -17.49 22.45 7.51
N SER A 153 -17.30 21.49 8.39
CA SER A 153 -18.14 20.27 8.45
C SER A 153 -19.08 20.34 9.65
N THR A 154 -20.36 20.23 9.40
CA THR A 154 -21.35 20.35 10.49
C THR A 154 -21.36 19.09 11.31
N THR A 155 -20.69 18.01 10.89
CA THR A 155 -20.70 16.72 11.61
C THR A 155 -19.32 16.48 12.28
N ALA A 156 -18.35 17.35 12.06
CA ALA A 156 -17.03 17.19 12.69
C ALA A 156 -17.08 17.51 14.19
N LYS A 157 -16.34 16.77 14.99
N LYS A 157 -16.46 16.67 15.01
N LYS A 157 -16.34 16.77 14.99
N LYS A 157 -16.46 16.67 15.01
CA LYS A 157 -16.26 17.05 16.44
CA LYS A 157 -16.28 16.89 16.47
CA LYS A 157 -16.26 17.05 16.44
CA LYS A 157 -16.28 16.90 16.46
C LYS A 157 -14.87 16.65 16.91
C LYS A 157 -14.79 16.72 16.79
C LYS A 157 -14.87 16.66 16.91
C LYS A 157 -14.79 16.72 16.79
N LEU A 158 -14.19 17.62 17.55
CA LEU A 158 -12.83 17.38 18.05
C LEU A 158 -12.91 16.17 18.97
N LEU A 159 -12.01 15.22 18.85
CA LEU A 159 -11.86 14.10 19.80
C LEU A 159 -10.88 14.64 20.85
N SER A 160 -11.45 15.15 21.95
N SER A 160 -11.44 15.18 21.93
N SER A 160 -11.44 15.15 21.94
N SER A 160 -11.44 15.18 21.93
CA SER A 160 -10.70 16.01 22.88
CA SER A 160 -10.73 16.00 22.94
CA SER A 160 -10.70 16.01 22.89
CA SER A 160 -10.73 16.00 22.94
C SER A 160 -9.54 15.24 23.52
C SER A 160 -9.55 15.23 23.54
C SER A 160 -9.54 15.23 23.51
C SER A 160 -9.55 15.23 23.54
N GLY A 161 -8.33 15.78 23.44
CA GLY A 161 -7.16 15.21 24.07
C GLY A 161 -6.43 14.21 23.21
N ALA A 162 -7.04 13.79 22.10
CA ALA A 162 -6.45 12.69 21.30
C ALA A 162 -5.37 13.26 20.35
N THR A 163 -4.26 12.57 20.32
CA THR A 163 -3.17 12.89 19.34
C THR A 163 -2.77 11.61 18.66
N TRP A 164 -2.00 11.80 17.59
CA TRP A 164 -1.47 10.67 16.80
C TRP A 164 -0.10 11.05 16.22
N SER A 165 0.67 10.00 15.99
CA SER A 165 2.01 10.16 15.38
C SER A 165 2.42 8.82 14.83
N ILE A 166 2.80 8.85 13.53
CA ILE A 166 3.17 7.59 12.84
C ILE A 166 4.48 7.76 12.10
N SER A 167 5.22 6.68 12.11
CA SER A 167 6.49 6.56 11.38
C SER A 167 6.36 5.33 10.51
N TYR A 168 6.50 5.50 9.20
N TYR A 168 6.48 5.50 9.20
N TYR A 168 6.50 5.49 9.21
N TYR A 168 6.50 5.49 9.21
CA TYR A 168 6.38 4.40 8.21
CA TYR A 168 6.38 4.41 8.19
CA TYR A 168 6.39 4.39 8.23
CA TYR A 168 6.39 4.39 8.23
C TYR A 168 7.77 3.78 7.98
C TYR A 168 7.75 3.79 7.97
C TYR A 168 7.77 3.76 8.00
C TYR A 168 7.77 3.76 8.00
N GLY A 169 7.78 2.53 7.50
CA GLY A 169 9.03 1.78 7.28
C GLY A 169 10.07 2.44 6.38
N ASP A 170 9.64 3.38 5.53
N ASP A 170 9.64 3.38 5.54
N ASP A 170 9.66 3.37 5.51
N ASP A 170 9.66 3.37 5.51
CA ASP A 170 10.53 4.09 4.57
CA ASP A 170 10.50 4.10 4.57
CA ASP A 170 10.55 4.10 4.58
CA ASP A 170 10.55 4.10 4.58
C ASP A 170 11.06 5.39 5.19
C ASP A 170 11.07 5.38 5.20
C ASP A 170 11.21 5.29 5.27
C ASP A 170 11.21 5.29 5.27
N GLY A 171 10.76 5.65 6.47
CA GLY A 171 11.27 6.83 7.18
C GLY A 171 10.36 8.05 7.15
N SER A 172 9.25 8.02 6.41
N SER A 172 9.27 8.00 6.38
N SER A 172 9.25 7.96 6.44
N SER A 172 9.25 7.95 6.43
CA SER A 172 8.32 9.17 6.38
CA SER A 172 8.26 9.10 6.28
CA SER A 172 8.24 9.03 6.34
CA SER A 172 8.23 9.02 6.34
C SER A 172 7.37 9.07 7.57
C SER A 172 7.33 9.04 7.49
C SER A 172 7.47 9.09 7.66
C SER A 172 7.46 9.09 7.66
N SER A 173 6.88 10.22 8.00
N SER A 173 6.87 10.20 7.97
N SER A 173 6.78 10.21 7.87
N SER A 173 6.77 10.20 7.87
CA SER A 173 6.07 10.33 9.24
CA SER A 173 6.09 10.33 9.22
CA SER A 173 6.08 10.43 9.15
CA SER A 173 6.07 10.42 9.15
C SER A 173 5.12 11.52 9.15
C SER A 173 5.11 11.51 9.12
C SER A 173 5.01 11.50 9.01
C SER A 173 5.01 11.50 9.01
N SER A 174 4.08 11.47 9.98
CA SER A 174 3.09 12.51 10.12
C SER A 174 2.55 12.44 11.55
N SER A 175 1.92 13.53 11.98
CA SER A 175 1.34 13.57 13.34
C SER A 175 0.33 14.73 13.39
N GLY A 176 -0.51 14.68 14.43
CA GLY A 176 -1.51 15.73 14.66
C GLY A 176 -2.51 15.40 15.71
N ASP A 177 -3.70 15.95 15.51
CA ASP A 177 -4.83 15.77 16.45
C ASP A 177 -5.95 15.03 15.74
N VAL A 178 -7.12 14.92 16.33
CA VAL A 178 -8.11 13.96 15.81
C VAL A 178 -9.49 14.57 15.88
N TYR A 179 -10.29 14.38 14.86
CA TYR A 179 -11.73 14.71 14.79
C TYR A 179 -12.50 13.43 14.57
N THR A 180 -13.73 13.35 14.97
CA THR A 180 -14.61 12.32 14.42
C THR A 180 -15.50 12.99 13.40
N ASP A 181 -15.85 12.27 12.32
CA ASP A 181 -16.71 12.82 11.26
C ASP A 181 -17.30 11.64 10.51
N THR A 182 -18.16 11.96 9.59
CA THR A 182 -18.77 10.98 8.66
C THR A 182 -17.80 10.79 7.50
N VAL A 183 -17.53 9.54 7.18
CA VAL A 183 -16.61 9.19 6.08
C VAL A 183 -17.34 8.21 5.20
N SER A 184 -17.27 8.45 3.88
CA SER A 184 -17.90 7.56 2.88
C SER A 184 -16.87 7.17 1.84
N VAL A 185 -16.89 5.91 1.50
CA VAL A 185 -16.05 5.35 0.42
C VAL A 185 -16.97 4.64 -0.53
N GLY A 186 -17.07 5.10 -1.78
CA GLY A 186 -17.77 4.36 -2.83
C GLY A 186 -19.20 4.05 -2.43
N GLY A 187 -19.85 4.96 -1.70
CA GLY A 187 -21.26 4.82 -1.27
C GLY A 187 -21.43 4.16 0.09
N LEU A 188 -20.40 3.65 0.71
CA LEU A 188 -20.48 3.05 2.06
C LEU A 188 -20.11 4.10 3.09
N THR A 189 -20.99 4.36 4.06
CA THR A 189 -20.83 5.48 5.01
C THR A 189 -20.59 4.96 6.41
N VAL A 190 -19.60 5.52 7.08
CA VAL A 190 -19.34 5.31 8.53
C VAL A 190 -19.52 6.63 9.24
N THR A 191 -20.35 6.64 10.28
CA THR A 191 -20.48 7.82 11.15
C THR A 191 -19.51 7.66 12.34
N GLY A 192 -18.95 8.74 12.80
CA GLY A 192 -18.08 8.74 13.98
C GLY A 192 -16.72 8.14 13.68
N GLN A 193 -16.27 8.18 12.44
CA GLN A 193 -14.92 7.72 12.08
C GLN A 193 -13.88 8.68 12.62
N ALA A 194 -12.81 8.16 13.20
CA ALA A 194 -11.66 9.00 13.58
C ALA A 194 -10.94 9.43 12.32
N VAL A 195 -10.85 10.72 12.14
CA VAL A 195 -10.15 11.37 11.01
C VAL A 195 -8.97 12.09 11.67
N GLU A 196 -7.77 11.63 11.43
CA GLU A 196 -6.58 12.15 12.08
C GLU A 196 -6.08 13.31 11.24
N SER A 197 -6.12 14.50 11.77
CA SER A 197 -5.76 15.74 11.09
C SER A 197 -4.28 15.99 11.25
N ALA A 198 -3.53 16.12 10.16
CA ALA A 198 -2.06 16.31 10.25
C ALA A 198 -1.75 17.75 10.65
N LYS A 199 -0.94 17.89 11.67
CA LYS A 199 -0.29 19.20 11.95
C LYS A 199 1.07 19.22 11.26
N LYS A 200 1.72 18.08 11.16
CA LYS A 200 3.08 17.93 10.59
C LYS A 200 3.10 16.73 9.67
N VAL A 201 3.79 16.88 8.53
CA VAL A 201 4.07 15.75 7.62
C VAL A 201 5.53 15.85 7.20
N SER A 202 6.22 14.71 7.03
N SER A 202 6.17 14.68 7.01
N SER A 202 6.12 14.72 6.85
N SER A 202 6.12 14.72 6.85
CA SER A 202 7.64 14.68 6.61
CA SER A 202 7.58 14.54 6.56
CA SER A 202 7.52 14.69 6.30
CA SER A 202 7.52 14.69 6.30
C SER A 202 7.73 14.98 5.11
C SER A 202 7.69 14.98 5.10
C SER A 202 7.51 15.22 4.87
C SER A 202 7.51 15.22 4.87
N SER A 203 8.95 15.20 4.64
N SER A 203 8.91 15.34 4.67
N SER A 203 8.68 15.68 4.43
N SER A 203 8.68 15.68 4.43
CA SER A 203 9.28 15.77 3.30
CA SER A 203 9.17 16.05 3.40
CA SER A 203 8.89 16.21 3.06
CA SER A 203 8.88 16.21 3.06
C SER A 203 8.58 15.00 2.18
C SER A 203 8.52 15.32 2.21
C SER A 203 8.41 15.19 2.00
C SER A 203 8.41 15.20 2.01
N SER A 204 8.55 13.67 2.23
N SER A 204 8.53 13.98 2.22
N SER A 204 8.59 13.90 2.25
N SER A 204 8.59 13.90 2.25
CA SER A 204 8.05 12.92 1.05
CA SER A 204 8.09 13.13 1.09
CA SER A 204 8.19 12.85 1.28
CA SER A 204 8.19 12.85 1.28
C SER A 204 6.53 13.15 0.85
C SER A 204 6.58 13.30 0.83
C SER A 204 6.69 12.93 1.00
C SER A 204 6.68 12.94 1.00
N PHE A 205 5.74 13.30 1.91
N PHE A 205 5.76 13.36 1.88
N PHE A 205 5.88 13.31 2.00
N PHE A 205 5.88 13.31 2.00
CA PHE A 205 4.29 13.59 1.76
CA PHE A 205 4.30 13.58 1.77
CA PHE A 205 4.42 13.52 1.79
CA PHE A 205 4.42 13.52 1.79
C PHE A 205 4.07 14.96 1.09
C PHE A 205 4.03 14.92 1.11
C PHE A 205 4.17 14.87 1.10
C PHE A 205 4.17 14.87 1.10
N THR A 206 4.76 16.00 1.55
N THR A 206 4.73 15.97 1.55
N THR A 206 4.82 15.94 1.54
N THR A 206 4.82 15.94 1.54
CA THR A 206 4.63 17.36 0.96
CA THR A 206 4.64 17.35 0.98
CA THR A 206 4.65 17.29 0.97
CA THR A 206 4.65 17.29 0.97
C THR A 206 4.93 17.25 -0.54
C THR A 206 4.92 17.29 -0.53
C THR A 206 4.87 17.22 -0.56
C THR A 206 4.87 17.23 -0.55
N GLU A 207 5.93 16.45 -0.90
N GLU A 207 5.92 16.50 -0.93
N GLU A 207 5.87 16.45 -0.96
N GLU A 207 5.87 16.45 -0.96
CA GLU A 207 6.51 16.39 -2.27
CA GLU A 207 6.46 16.48 -2.31
CA GLU A 207 6.31 16.33 -2.38
CA GLU A 207 6.31 16.33 -2.38
C GLU A 207 5.68 15.46 -3.17
C GLU A 207 5.65 15.53 -3.20
C GLU A 207 5.28 15.61 -3.25
C GLU A 207 5.29 15.60 -3.24
N ASP A 208 4.63 14.81 -2.64
N ASP A 208 4.60 14.92 -2.65
N ASP A 208 4.41 14.78 -2.66
N ASP A 208 4.41 14.78 -2.66
CA ASP A 208 3.60 14.13 -3.45
CA ASP A 208 3.59 14.13 -3.42
CA ASP A 208 3.42 13.96 -3.39
CA ASP A 208 3.42 13.98 -3.39
C ASP A 208 2.29 14.92 -3.34
C ASP A 208 2.25 14.89 -3.35
C ASP A 208 2.11 14.78 -3.44
C ASP A 208 2.11 14.78 -3.44
N SER A 209 1.98 15.75 -4.33
CA SER A 209 0.80 16.64 -4.37
C SER A 209 -0.47 15.86 -4.63
N THR A 210 -0.37 14.63 -5.14
CA THR A 210 -1.54 13.82 -5.54
C THR A 210 -2.14 13.05 -4.37
N ILE A 211 -1.43 12.91 -3.25
N ILE A 211 -1.43 12.88 -3.26
N ILE A 211 -1.44 12.98 -3.25
N ILE A 211 -1.44 12.98 -3.25
CA ILE A 211 -1.96 12.09 -2.12
CA ILE A 211 -1.93 12.07 -2.11
CA ILE A 211 -1.87 12.16 -2.08
CA ILE A 211 -1.87 12.16 -2.08
C ILE A 211 -2.31 12.99 -0.93
C ILE A 211 -2.30 13.00 -0.95
C ILE A 211 -2.33 13.12 -0.97
C ILE A 211 -2.33 13.12 -0.97
N ASP A 212 -3.61 13.05 -0.63
CA ASP A 212 -4.19 13.96 0.37
C ASP A 212 -4.19 13.33 1.75
N GLY A 213 -3.70 12.12 1.88
CA GLY A 213 -3.65 11.39 3.15
C GLY A 213 -3.70 9.90 2.89
N LEU A 214 -3.74 9.12 3.97
N LEU A 214 -3.73 9.12 3.96
N LEU A 214 -3.79 9.13 3.97
N LEU A 214 -3.79 9.13 3.97
CA LEU A 214 -3.79 7.65 3.89
CA LEU A 214 -3.77 7.63 3.90
CA LEU A 214 -3.77 7.64 3.94
CA LEU A 214 -3.77 7.64 3.94
C LEU A 214 -5.09 7.17 4.55
C LEU A 214 -5.03 7.15 4.60
C LEU A 214 -5.00 7.11 4.65
C LEU A 214 -5.00 7.11 4.65
N LEU A 215 -5.56 6.00 4.16
CA LEU A 215 -6.67 5.32 4.85
C LEU A 215 -6.17 3.94 5.15
N GLY A 216 -5.87 3.70 6.44
CA GLY A 216 -5.29 2.44 6.83
C GLY A 216 -6.30 1.32 6.89
N LEU A 217 -5.88 0.12 6.49
CA LEU A 217 -6.74 -1.08 6.41
C LEU A 217 -6.08 -2.30 7.01
N ALA A 218 -5.04 -2.09 7.79
CA ALA A 218 -4.49 -3.18 8.63
C ALA A 218 -5.31 -3.26 9.90
N PHE A 219 -4.92 -4.10 10.86
CA PHE A 219 -5.77 -4.30 12.04
C PHE A 219 -5.66 -3.09 12.97
N SER A 220 -6.76 -2.88 13.70
CA SER A 220 -6.91 -1.64 14.52
C SER A 220 -5.91 -1.60 15.70
N THR A 221 -5.31 -2.72 16.04
CA THR A 221 -4.28 -2.81 17.08
C THR A 221 -3.07 -1.98 16.71
N LEU A 222 -2.84 -1.64 15.42
CA LEU A 222 -1.72 -0.74 15.02
C LEU A 222 -2.07 0.76 15.00
N ASN A 223 -3.32 1.14 15.27
CA ASN A 223 -3.75 2.55 15.20
C ASN A 223 -2.91 3.34 16.22
N THR A 224 -2.45 4.51 15.89
CA THR A 224 -1.51 5.29 16.73
C THR A 224 -2.24 6.32 17.61
N VAL A 225 -3.54 6.44 17.58
CA VAL A 225 -4.20 7.47 18.40
C VAL A 225 -4.05 7.17 19.89
N SER A 226 -3.66 8.20 20.62
CA SER A 226 -3.45 8.15 22.08
C SER A 226 -4.28 9.27 22.69
N PRO A 227 -4.84 9.07 23.92
CA PRO A 227 -4.71 7.87 24.74
C PRO A 227 -5.74 6.78 24.48
N THR A 228 -6.66 7.01 23.55
CA THR A 228 -7.73 6.06 23.21
C THR A 228 -7.50 5.63 21.76
N GLN A 229 -7.07 4.38 21.59
CA GLN A 229 -6.82 3.85 20.23
C GLN A 229 -8.15 3.85 19.46
N GLN A 230 -8.09 4.17 18.17
CA GLN A 230 -9.27 4.26 17.26
C GLN A 230 -9.32 3.09 16.28
N LYS A 231 -10.51 2.82 15.80
CA LYS A 231 -10.78 1.80 14.79
C LYS A 231 -10.58 2.29 13.36
N THR A 232 -10.15 1.36 12.50
CA THR A 232 -10.11 1.63 11.04
C THR A 232 -11.51 1.83 10.46
N PHE A 233 -11.54 2.41 9.28
CA PHE A 233 -12.79 2.50 8.51
C PHE A 233 -13.42 1.13 8.33
N PHE A 234 -12.63 0.11 7.99
CA PHE A 234 -13.14 -1.25 7.76
C PHE A 234 -13.69 -1.80 9.06
N ASP A 235 -12.95 -1.66 10.15
CA ASP A 235 -13.43 -2.20 11.43
C ASP A 235 -14.73 -1.49 11.80
N ASN A 236 -14.90 -0.20 11.62
CA ASN A 236 -16.16 0.50 11.94
C ASN A 236 -17.26 0.05 10.98
N ALA A 237 -16.99 -0.22 9.72
CA ALA A 237 -18.01 -0.59 8.74
C ALA A 237 -18.47 -2.05 8.86
N LYS A 238 -17.63 -2.94 9.40
N LYS A 238 -17.60 -2.89 9.42
N LYS A 238 -17.63 -2.94 9.40
N LYS A 238 -17.61 -2.90 9.42
CA LYS A 238 -17.73 -4.40 9.05
CA LYS A 238 -17.65 -4.38 9.26
CA LYS A 238 -17.73 -4.40 9.05
CA LYS A 238 -17.65 -4.38 9.26
C LYS A 238 -19.00 -5.06 9.61
C LYS A 238 -19.05 -4.93 9.56
C LYS A 238 -19.00 -5.06 9.61
C LYS A 238 -19.05 -4.93 9.56
N ALA A 239 -19.59 -4.57 10.71
CA ALA A 239 -20.86 -5.14 11.22
C ALA A 239 -22.01 -4.82 10.24
N SER A 240 -21.97 -3.70 9.55
CA SER A 240 -23.00 -3.21 8.59
C SER A 240 -22.82 -3.83 7.22
N LEU A 241 -21.67 -4.42 6.91
CA LEU A 241 -21.43 -4.93 5.54
C LEU A 241 -22.19 -6.22 5.26
N ASP A 242 -22.53 -6.46 4.02
CA ASP A 242 -23.20 -7.73 3.64
C ASP A 242 -22.31 -8.94 4.04
N SER A 243 -21.00 -8.81 3.88
N SER A 243 -21.01 -8.84 3.78
N SER A 243 -21.00 -8.81 3.88
N SER A 243 -21.01 -8.83 3.79
CA SER A 243 -19.98 -9.83 4.20
CA SER A 243 -19.96 -9.81 4.20
CA SER A 243 -19.98 -9.83 4.20
CA SER A 243 -19.96 -9.81 4.20
C SER A 243 -18.79 -9.06 4.75
C SER A 243 -18.79 -9.03 4.78
C SER A 243 -18.79 -9.06 4.75
C SER A 243 -18.79 -9.03 4.78
N PRO A 244 -18.08 -9.57 5.79
CA PRO A 244 -17.02 -8.79 6.45
C PRO A 244 -15.67 -8.83 5.72
N VAL A 245 -15.69 -8.26 4.50
CA VAL A 245 -14.56 -8.42 3.55
C VAL A 245 -14.33 -7.09 2.85
N PHE A 246 -13.11 -6.87 2.38
CA PHE A 246 -12.91 -5.90 1.30
C PHE A 246 -11.93 -6.55 0.33
N THR A 247 -11.94 -6.07 -0.91
CA THR A 247 -11.11 -6.64 -1.98
C THR A 247 -10.34 -5.50 -2.64
N ALA A 248 -9.12 -5.86 -3.00
CA ALA A 248 -8.21 -4.98 -3.75
C ALA A 248 -7.98 -5.55 -5.13
N ASP A 249 -8.24 -4.76 -6.15
CA ASP A 249 -8.08 -5.13 -7.54
C ASP A 249 -7.28 -4.02 -8.22
N LEU A 250 -5.99 -4.00 -8.01
CA LEU A 250 -5.16 -2.89 -8.50
C LEU A 250 -4.86 -3.11 -9.96
N GLY A 251 -4.76 -2.04 -10.73
CA GLY A 251 -4.42 -2.10 -12.14
C GLY A 251 -2.93 -1.94 -12.40
N TYR A 252 -2.44 -2.51 -13.48
CA TYR A 252 -1.10 -2.23 -14.02
C TYR A 252 -1.23 -1.05 -14.97
N HIS A 253 -0.69 0.07 -14.58
CA HIS A 253 -0.71 1.30 -15.41
C HIS A 253 -2.15 1.59 -15.82
N ALA A 254 -3.11 1.41 -14.89
CA ALA A 254 -4.53 1.54 -15.21
C ALA A 254 -5.27 1.62 -13.88
N PRO A 255 -6.49 2.18 -13.87
CA PRO A 255 -7.31 2.16 -12.66
C PRO A 255 -7.74 0.73 -12.29
N GLY A 256 -8.13 0.62 -11.03
CA GLY A 256 -8.65 -0.62 -10.45
C GLY A 256 -9.73 -0.29 -9.48
N THR A 257 -10.05 -1.21 -8.57
CA THR A 257 -11.20 -1.09 -7.69
C THR A 257 -10.90 -1.59 -6.27
N TYR A 258 -11.44 -0.90 -5.29
CA TYR A 258 -11.61 -1.37 -3.91
C TYR A 258 -13.10 -1.60 -3.70
N ASN A 259 -13.46 -2.82 -3.30
CA ASN A 259 -14.86 -3.12 -2.91
C ASN A 259 -14.93 -3.49 -1.45
N PHE A 260 -16.00 -3.06 -0.81
CA PHE A 260 -16.24 -3.37 0.61
C PHE A 260 -17.56 -4.13 0.70
N GLY A 261 -17.54 -5.30 1.37
CA GLY A 261 -18.78 -6.00 1.70
C GLY A 261 -19.23 -7.02 0.72
N PHE A 262 -18.52 -7.21 -0.39
CA PHE A 262 -18.92 -8.22 -1.38
C PHE A 262 -17.73 -8.61 -2.23
N ILE A 263 -17.83 -9.77 -2.88
N ILE A 263 -17.80 -9.84 -2.76
N ILE A 263 -17.83 -9.77 -2.87
N ILE A 263 -17.80 -9.84 -2.76
CA ILE A 263 -16.76 -10.30 -3.75
CA ILE A 263 -16.90 -10.38 -3.83
CA ILE A 263 -16.76 -10.30 -3.75
CA ILE A 263 -16.90 -10.38 -3.83
C ILE A 263 -17.35 -10.33 -5.17
C ILE A 263 -17.54 -10.16 -5.18
C ILE A 263 -17.35 -10.33 -5.17
C ILE A 263 -17.54 -10.16 -5.18
N ASP A 264 -16.82 -9.48 -6.06
CA ASP A 264 -17.27 -9.36 -7.46
C ASP A 264 -16.76 -10.56 -8.22
N THR A 265 -17.64 -11.55 -8.45
CA THR A 265 -17.22 -12.80 -9.09
C THR A 265 -16.90 -12.57 -10.55
N THR A 266 -17.14 -11.40 -11.14
CA THR A 266 -16.79 -11.09 -12.54
C THR A 266 -15.37 -10.53 -12.66
N ALA A 267 -14.74 -10.18 -11.54
CA ALA A 267 -13.46 -9.44 -11.51
C ALA A 267 -12.25 -10.36 -11.54
N TYR A 268 -12.37 -11.68 -11.51
CA TYR A 268 -11.22 -12.59 -11.51
C TYR A 268 -11.55 -13.79 -12.37
N THR A 269 -10.52 -14.57 -12.64
CA THR A 269 -10.60 -15.82 -13.43
C THR A 269 -10.37 -16.99 -12.47
N GLY A 270 -10.90 -18.14 -12.81
CA GLY A 270 -10.68 -19.34 -11.99
C GLY A 270 -11.30 -19.19 -10.62
N SER A 271 -10.66 -19.77 -9.61
N SER A 271 -10.64 -19.77 -9.62
N SER A 271 -10.66 -19.77 -9.61
N SER A 271 -10.64 -19.77 -9.62
CA SER A 271 -11.16 -19.74 -8.22
CA SER A 271 -11.10 -19.82 -8.20
CA SER A 271 -11.16 -19.74 -8.22
CA SER A 271 -11.10 -19.82 -8.20
C SER A 271 -10.24 -18.91 -7.32
C SER A 271 -10.25 -18.88 -7.35
C SER A 271 -10.24 -18.91 -7.32
C SER A 271 -10.26 -18.87 -7.35
N ILE A 272 -10.76 -18.55 -6.16
CA ILE A 272 -10.00 -17.79 -5.14
C ILE A 272 -9.39 -18.84 -4.22
N THR A 273 -8.10 -18.75 -4.00
CA THR A 273 -7.42 -19.63 -3.03
C THR A 273 -7.18 -18.83 -1.76
N TYR A 274 -7.78 -19.30 -0.67
CA TYR A 274 -7.65 -18.68 0.65
C TYR A 274 -6.51 -19.27 1.43
N THR A 275 -5.88 -18.48 2.22
CA THR A 275 -4.69 -18.81 3.02
C THR A 275 -4.79 -18.15 4.39
N ALA A 276 -4.20 -18.77 5.39
CA ALA A 276 -4.28 -18.30 6.78
C ALA A 276 -3.57 -16.99 6.99
N VAL A 277 -4.08 -16.25 7.92
CA VAL A 277 -3.50 -14.96 8.34
C VAL A 277 -3.13 -15.00 9.80
N SER A 278 -1.96 -14.49 10.15
CA SER A 278 -1.60 -14.14 11.54
C SER A 278 -1.83 -12.67 11.74
N THR A 279 -2.56 -12.31 12.79
CA THR A 279 -2.78 -10.90 13.18
C THR A 279 -1.83 -10.49 14.32
N LYS A 280 -0.85 -11.32 14.68
CA LYS A 280 0.00 -11.09 15.88
C LYS A 280 0.80 -9.80 15.77
N GLN A 281 1.17 -9.36 14.57
CA GLN A 281 1.91 -8.10 14.39
C GLN A 281 0.99 -6.97 13.86
N GLY A 282 -0.31 -7.22 13.78
CA GLY A 282 -1.31 -6.25 13.32
C GLY A 282 -1.44 -6.12 11.80
N PHE A 283 -0.73 -6.94 11.06
CA PHE A 283 -0.73 -6.93 9.58
C PHE A 283 -1.56 -8.06 9.04
N TRP A 284 -1.83 -8.00 7.74
CA TRP A 284 -2.36 -9.12 6.94
C TRP A 284 -1.18 -10.02 6.59
N GLU A 285 -0.72 -10.79 7.59
CA GLU A 285 0.51 -11.59 7.46
C GLU A 285 0.14 -12.99 7.07
N TRP A 286 0.81 -13.53 6.08
CA TRP A 286 0.51 -14.85 5.54
C TRP A 286 1.79 -15.52 5.10
N THR A 287 1.73 -16.75 4.64
CA THR A 287 2.90 -17.53 4.21
C THR A 287 2.70 -17.99 2.78
N SER A 288 3.51 -17.51 1.87
CA SER A 288 3.54 -18.02 0.50
C SER A 288 4.24 -19.37 0.49
N THR A 289 3.84 -20.19 -0.44
CA THR A 289 4.37 -21.55 -0.55
C THR A 289 5.55 -21.68 -1.50
N GLY A 290 5.98 -20.59 -2.14
CA GLY A 290 7.25 -20.64 -2.89
C GLY A 290 7.22 -19.74 -4.10
N TYR A 291 8.14 -19.94 -5.02
CA TYR A 291 8.30 -19.00 -6.15
C TYR A 291 8.92 -19.71 -7.32
N ALA A 292 8.78 -19.09 -8.48
CA ALA A 292 9.53 -19.46 -9.69
C ALA A 292 9.97 -18.18 -10.37
N VAL A 293 11.05 -18.27 -11.11
CA VAL A 293 11.59 -17.16 -11.93
C VAL A 293 11.36 -17.49 -13.39
N GLY A 294 10.65 -16.69 -14.14
CA GLY A 294 10.37 -16.94 -15.54
C GLY A 294 9.75 -18.30 -15.71
N SER A 295 10.29 -19.06 -16.67
N SER A 295 10.28 -19.07 -16.68
N SER A 295 10.29 -19.06 -16.67
N SER A 295 10.28 -19.07 -16.68
CA SER A 295 9.78 -20.41 -17.04
CA SER A 295 9.80 -20.42 -17.06
CA SER A 295 9.78 -20.41 -17.04
CA SER A 295 9.80 -20.42 -17.06
C SER A 295 10.46 -21.49 -16.18
C SER A 295 10.46 -21.49 -16.17
C SER A 295 10.46 -21.48 -16.17
C SER A 295 10.46 -21.49 -16.17
N GLY A 296 11.24 -21.09 -15.17
CA GLY A 296 11.97 -22.00 -14.29
C GLY A 296 11.09 -22.85 -13.39
N THR A 297 11.69 -23.86 -12.77
CA THR A 297 10.95 -24.75 -11.88
C THR A 297 10.50 -23.98 -10.65
N PHE A 298 9.38 -24.37 -10.13
CA PHE A 298 8.85 -23.79 -8.89
C PHE A 298 9.62 -24.34 -7.69
N LYS A 299 10.12 -23.49 -6.83
CA LYS A 299 10.83 -23.79 -5.59
C LYS A 299 9.83 -23.74 -4.44
N SER A 300 9.54 -24.89 -3.82
CA SER A 300 8.66 -24.98 -2.64
C SER A 300 9.41 -24.51 -1.42
N THR A 301 8.97 -23.42 -0.80
CA THR A 301 9.67 -22.80 0.34
C THR A 301 8.67 -21.86 1.00
N SER A 302 8.61 -21.86 2.29
CA SER A 302 7.67 -20.98 3.04
C SER A 302 8.25 -19.58 3.11
N ILE A 303 7.51 -18.55 2.68
CA ILE A 303 7.94 -17.12 2.76
C ILE A 303 6.85 -16.37 3.48
N ASP A 304 7.09 -16.08 4.76
N ASP A 304 7.13 -15.98 4.72
N ASP A 304 7.10 -16.08 4.75
N ASP A 304 7.13 -15.98 4.72
CA ASP A 304 6.19 -15.24 5.57
CA ASP A 304 6.18 -15.24 5.58
CA ASP A 304 6.20 -15.24 5.57
CA ASP A 304 6.18 -15.23 5.57
C ASP A 304 6.26 -13.81 5.01
C ASP A 304 6.27 -13.73 5.26
C ASP A 304 6.27 -13.81 5.02
C ASP A 304 6.27 -13.73 5.26
N GLY A 305 5.13 -13.12 4.94
CA GLY A 305 5.13 -11.71 4.56
C GLY A 305 3.78 -11.10 4.73
N ILE A 306 3.70 -9.82 4.39
CA ILE A 306 2.45 -9.07 4.58
C ILE A 306 1.89 -8.67 3.25
N ALA A 307 0.59 -8.62 3.12
CA ALA A 307 -0.10 -8.07 1.94
C ALA A 307 -0.30 -6.59 2.19
N ASP A 308 0.45 -5.72 1.47
CA ASP A 308 0.54 -4.27 1.80
C ASP A 308 0.31 -3.39 0.56
N THR A 309 -0.91 -2.92 0.42
CA THR A 309 -1.26 -2.06 -0.74
C THR A 309 -0.56 -0.72 -0.68
N GLY A 310 -0.02 -0.33 0.48
N GLY A 310 -0.04 -0.33 0.49
N GLY A 310 -0.05 -0.33 0.47
N GLY A 310 -0.06 -0.34 0.48
CA GLY A 310 0.69 0.95 0.66
CA GLY A 310 0.67 0.94 0.71
CA GLY A 310 0.59 0.96 0.68
CA GLY A 310 0.59 0.96 0.68
C GLY A 310 2.19 0.81 0.52
C GLY A 310 2.17 0.83 0.53
C GLY A 310 2.07 0.96 0.31
C GLY A 310 2.07 0.96 0.31
N THR A 311 2.67 -0.33 0.05
N THR A 311 2.66 -0.33 0.08
N THR A 311 2.60 -0.20 -0.04
N THR A 311 2.60 -0.20 -0.04
CA THR A 311 4.09 -0.51 -0.34
CA THR A 311 4.07 -0.54 -0.36
CA THR A 311 4.02 -0.35 -0.46
CA THR A 311 4.02 -0.35 -0.46
C THR A 311 4.15 -0.74 -1.84
C THR A 311 4.08 -0.79 -1.87
C THR A 311 4.06 -0.59 -1.96
C THR A 311 4.06 -0.59 -1.96
N THR A 312 4.92 0.06 -2.59
N THR A 312 4.92 -0.06 -2.60
N THR A 312 4.94 0.12 -2.67
N THR A 312 4.95 0.12 -2.66
CA THR A 312 4.99 -0.02 -4.07
CA THR A 312 4.92 -0.03 -4.09
CA THR A 312 5.02 0.01 -4.13
CA THR A 312 5.02 0.01 -4.13
C THR A 312 5.54 -1.36 -4.56
C THR A 312 5.56 -1.30 -4.66
C THR A 312 5.56 -1.36 -4.58
C THR A 312 5.56 -1.36 -4.58
N LEU A 313 6.66 -1.80 -4.00
N LEU A 313 6.63 -1.80 -4.04
N LEU A 313 6.67 -1.79 -4.00
N LEU A 313 6.67 -1.79 -4.00
CA LEU A 313 7.46 -2.90 -4.57
CA LEU A 313 7.47 -2.89 -4.59
CA LEU A 313 7.46 -2.90 -4.56
CA LEU A 313 7.46 -2.90 -4.56
C LEU A 313 7.24 -4.22 -3.82
C LEU A 313 7.28 -4.19 -3.80
C LEU A 313 7.24 -4.22 -3.81
C LEU A 313 7.24 -4.22 -3.81
N LEU A 314 7.86 -5.27 -4.32
CA LEU A 314 7.84 -6.62 -3.74
C LEU A 314 9.16 -6.78 -3.05
N TYR A 315 9.17 -6.96 -1.74
CA TYR A 315 10.38 -7.13 -0.91
C TYR A 315 10.45 -8.57 -0.42
N LEU A 316 11.48 -9.31 -0.80
CA LEU A 316 11.59 -10.75 -0.52
C LEU A 316 12.97 -11.06 -0.02
N PRO A 317 13.18 -12.27 0.53
CA PRO A 317 14.51 -12.57 1.05
C PRO A 317 15.59 -12.49 -0.01
N ALA A 318 16.77 -12.16 0.43
CA ALA A 318 17.89 -11.90 -0.48
C ALA A 318 18.19 -13.11 -1.37
N THR A 319 18.02 -14.34 -0.91
CA THR A 319 18.21 -15.54 -1.74
C THR A 319 17.28 -15.54 -2.95
N VAL A 320 16.02 -15.19 -2.69
CA VAL A 320 14.98 -15.23 -3.75
C VAL A 320 15.26 -14.11 -4.73
N VAL A 321 15.59 -12.94 -4.26
CA VAL A 321 15.82 -11.75 -5.08
C VAL A 321 17.06 -11.94 -5.94
N SER A 322 18.12 -12.51 -5.38
CA SER A 322 19.36 -12.80 -6.16
C SER A 322 19.02 -13.79 -7.26
N ALA A 323 18.26 -14.82 -6.99
CA ALA A 323 17.86 -15.79 -8.02
C ALA A 323 17.09 -15.12 -9.15
N TYR A 324 16.23 -14.16 -8.83
CA TYR A 324 15.47 -13.46 -9.87
C TYR A 324 16.44 -12.67 -10.73
N TRP A 325 17.22 -11.78 -10.16
CA TRP A 325 18.03 -10.81 -10.94
C TRP A 325 19.21 -11.50 -11.63
N ALA A 326 19.60 -12.68 -11.21
CA ALA A 326 20.63 -13.48 -11.91
C ALA A 326 20.15 -13.84 -13.31
N GLN A 327 18.87 -13.80 -13.60
CA GLN A 327 18.32 -14.15 -14.91
C GLN A 327 18.24 -12.91 -15.79
N VAL A 328 18.76 -11.76 -15.39
CA VAL A 328 18.69 -10.51 -16.19
C VAL A 328 20.14 -10.10 -16.43
N SER A 329 20.57 -10.12 -17.69
N SER A 329 20.57 -10.10 -17.69
N SER A 329 20.57 -10.12 -17.69
N SER A 329 20.57 -10.10 -17.69
CA SER A 329 21.95 -9.73 -18.11
CA SER A 329 21.96 -9.73 -18.09
CA SER A 329 21.94 -9.72 -18.11
CA SER A 329 21.95 -9.73 -18.08
C SER A 329 22.24 -8.30 -17.65
C SER A 329 22.24 -8.30 -17.65
C SER A 329 22.24 -8.30 -17.65
C SER A 329 22.24 -8.30 -17.65
N GLY A 330 23.30 -8.10 -16.88
CA GLY A 330 23.73 -6.79 -16.45
C GLY A 330 23.00 -6.27 -15.21
N ALA A 331 22.09 -7.03 -14.58
CA ALA A 331 21.48 -6.58 -13.33
C ALA A 331 22.44 -6.71 -12.16
N LYS A 332 22.35 -5.78 -11.23
CA LYS A 332 23.27 -5.74 -10.10
C LYS A 332 22.58 -5.01 -8.99
N SER A 333 23.04 -5.29 -7.77
CA SER A 333 22.64 -4.53 -6.59
C SER A 333 23.56 -3.32 -6.45
N SER A 334 23.00 -2.14 -6.44
CA SER A 334 23.72 -0.85 -6.29
C SER A 334 23.46 -0.24 -4.91
N SER A 335 24.48 -0.14 -4.06
N SER A 335 24.51 -0.17 -4.10
N SER A 335 24.48 -0.14 -4.06
N SER A 335 24.51 -0.17 -4.10
CA SER A 335 24.38 0.54 -2.75
CA SER A 335 24.54 0.53 -2.79
CA SER A 335 24.38 0.54 -2.75
CA SER A 335 24.54 0.53 -2.79
C SER A 335 24.17 2.05 -2.98
C SER A 335 24.20 2.01 -2.98
C SER A 335 24.17 2.05 -2.98
C SER A 335 24.20 2.01 -2.98
N SER A 336 24.73 2.62 -4.04
CA SER A 336 24.53 4.07 -4.36
C SER A 336 23.05 4.34 -4.66
N VAL A 337 22.39 3.46 -5.42
CA VAL A 337 20.99 3.71 -5.83
C VAL A 337 20.05 3.22 -4.73
N GLY A 338 20.43 2.16 -4.03
CA GLY A 338 19.63 1.58 -2.95
C GLY A 338 18.78 0.40 -3.39
N GLY A 339 19.30 -0.40 -4.31
CA GLY A 339 18.72 -1.70 -4.62
C GLY A 339 19.18 -2.18 -5.96
N TYR A 340 18.53 -3.23 -6.43
CA TYR A 340 18.82 -3.83 -7.74
C TYR A 340 18.38 -2.89 -8.84
N VAL A 341 19.31 -2.74 -9.77
CA VAL A 341 19.12 -2.00 -11.05
C VAL A 341 19.42 -2.94 -12.19
N PHE A 342 18.92 -2.60 -13.35
CA PHE A 342 19.08 -3.43 -14.55
C PHE A 342 19.13 -2.54 -15.77
N PRO A 343 19.74 -3.03 -16.88
CA PRO A 343 19.76 -2.24 -18.12
C PRO A 343 18.36 -2.00 -18.62
N CYS A 344 18.07 -0.76 -18.97
CA CYS A 344 16.76 -0.41 -19.52
C CYS A 344 16.48 -1.15 -20.84
N SER A 345 17.48 -1.68 -21.51
CA SER A 345 17.30 -2.49 -22.73
C SER A 345 16.82 -3.92 -22.45
N ALA A 346 16.74 -4.34 -21.19
CA ALA A 346 16.41 -5.74 -20.86
C ALA A 346 14.94 -5.99 -21.04
N THR A 347 14.64 -7.25 -21.34
CA THR A 347 13.28 -7.82 -21.21
C THR A 347 13.29 -8.64 -19.92
N LEU A 348 12.44 -8.32 -18.95
CA LEU A 348 12.44 -8.96 -17.62
C LEU A 348 11.61 -10.24 -17.66
N PRO A 349 12.09 -11.25 -16.93
CA PRO A 349 11.29 -12.46 -16.75
C PRO A 349 10.13 -12.23 -15.77
N SER A 350 9.13 -13.06 -15.87
CA SER A 350 8.08 -13.07 -14.88
C SER A 350 8.58 -13.55 -13.53
N PHE A 351 7.75 -13.41 -12.54
CA PHE A 351 7.96 -13.94 -11.19
C PHE A 351 6.65 -14.57 -10.71
N THR A 352 6.71 -15.81 -10.29
CA THR A 352 5.52 -16.51 -9.78
C THR A 352 5.66 -16.67 -8.28
N PHE A 353 4.58 -16.45 -7.52
CA PHE A 353 4.54 -16.77 -6.09
C PHE A 353 3.40 -17.73 -5.80
N GLY A 354 3.64 -18.60 -4.82
CA GLY A 354 2.62 -19.59 -4.46
C GLY A 354 1.65 -19.09 -3.39
N VAL A 355 0.39 -19.49 -3.56
CA VAL A 355 -0.69 -19.30 -2.56
C VAL A 355 -1.29 -20.69 -2.38
N GLY A 356 -0.91 -21.36 -1.31
CA GLY A 356 -1.28 -22.78 -1.22
C GLY A 356 -0.78 -23.47 -2.47
N SER A 357 -1.63 -24.28 -3.09
N SER A 357 -1.66 -24.26 -3.10
N SER A 357 -1.63 -24.28 -3.09
N SER A 357 -1.66 -24.26 -3.10
CA SER A 357 -1.30 -25.03 -4.33
CA SER A 357 -1.35 -25.03 -4.34
CA SER A 357 -1.30 -25.03 -4.33
CA SER A 357 -1.35 -25.03 -4.34
C SER A 357 -1.50 -24.18 -5.59
C SER A 357 -1.45 -24.15 -5.58
C SER A 357 -1.50 -24.18 -5.59
C SER A 357 -1.45 -24.15 -5.58
N ALA A 358 -2.00 -22.94 -5.45
CA ALA A 358 -2.18 -22.02 -6.57
C ALA A 358 -0.92 -21.16 -6.82
N ARG A 359 -0.96 -20.52 -7.94
CA ARG A 359 0.21 -19.73 -8.41
C ARG A 359 -0.29 -18.40 -8.95
N ILE A 360 0.36 -17.32 -8.60
CA ILE A 360 0.12 -15.97 -9.14
C ILE A 360 1.35 -15.62 -9.93
N VAL A 361 1.14 -15.24 -11.16
CA VAL A 361 2.24 -14.87 -12.07
C VAL A 361 2.27 -13.36 -12.24
N ILE A 362 3.40 -12.77 -11.84
CA ILE A 362 3.69 -11.33 -12.05
C ILE A 362 4.43 -11.19 -13.37
N PRO A 363 3.84 -10.57 -14.42
CA PRO A 363 4.54 -10.41 -15.69
C PRO A 363 5.79 -9.57 -15.47
N GLY A 364 6.80 -9.84 -16.31
CA GLY A 364 8.05 -9.10 -16.23
C GLY A 364 7.88 -7.59 -16.31
N ASP A 365 6.96 -7.12 -17.14
N ASP A 365 6.98 -7.07 -17.13
N ASP A 365 6.96 -7.12 -17.14
N ASP A 365 6.98 -7.07 -17.13
CA ASP A 365 6.77 -5.66 -17.30
CA ASP A 365 6.91 -5.59 -17.26
CA ASP A 365 6.76 -5.67 -17.31
CA ASP A 365 6.91 -5.59 -17.26
C ASP A 365 6.41 -5.02 -15.96
C ASP A 365 6.33 -4.96 -15.98
C ASP A 365 6.41 -5.02 -15.96
C ASP A 365 6.34 -4.96 -15.97
N TYR A 366 5.72 -5.74 -15.08
CA TYR A 366 5.28 -5.17 -13.79
C TYR A 366 6.48 -4.86 -12.89
N ILE A 367 7.63 -5.46 -13.18
CA ILE A 367 8.85 -5.39 -12.34
C ILE A 367 9.74 -4.23 -12.81
N ASP A 368 9.37 -3.56 -13.90
N ASP A 368 9.38 -3.55 -13.90
CA ASP A 368 10.15 -2.41 -14.43
CA ASP A 368 10.18 -2.42 -14.44
C ASP A 368 9.68 -1.09 -13.82
C ASP A 368 9.69 -1.09 -13.86
N PHE A 369 10.53 -0.45 -13.04
CA PHE A 369 10.20 0.87 -12.44
C PHE A 369 11.01 1.99 -13.11
N GLY A 370 11.54 1.74 -14.27
CA GLY A 370 11.98 2.83 -15.17
C GLY A 370 13.34 3.37 -14.74
N PRO A 371 13.81 4.39 -15.48
CA PRO A 371 15.14 4.96 -15.24
C PRO A 371 15.35 5.42 -13.81
N ILE A 372 16.52 5.23 -13.26
CA ILE A 372 16.81 5.62 -11.86
C ILE A 372 16.77 7.14 -11.73
N SER A 373 17.11 7.84 -12.77
CA SER A 373 17.06 9.33 -12.89
C SER A 373 16.66 9.61 -14.29
N THR A 374 16.09 10.78 -14.50
CA THR A 374 15.61 11.08 -15.81
C THR A 374 16.70 10.89 -16.90
N GLY A 375 16.42 10.14 -17.96
CA GLY A 375 17.35 9.94 -19.07
C GLY A 375 18.35 8.81 -18.90
N SER A 376 18.43 8.25 -17.70
CA SER A 376 19.38 7.15 -17.43
C SER A 376 19.03 5.91 -18.21
N SER A 377 20.03 5.15 -18.57
CA SER A 377 19.80 3.81 -19.13
C SER A 377 19.86 2.72 -18.07
N SER A 378 20.01 3.06 -16.80
N SER A 378 20.00 3.09 -16.79
N SER A 378 20.01 3.06 -16.80
N SER A 378 20.00 3.09 -16.79
CA SER A 378 19.85 2.12 -15.67
CA SER A 378 19.89 2.18 -15.63
CA SER A 378 19.85 2.12 -15.67
CA SER A 378 19.89 2.18 -15.63
C SER A 378 18.45 2.25 -15.10
C SER A 378 18.45 2.26 -15.07
C SER A 378 18.44 2.25 -15.11
C SER A 378 18.45 2.26 -15.08
N CYS A 379 17.75 1.13 -14.96
CA CYS A 379 16.36 1.06 -14.50
C CYS A 379 16.29 0.42 -13.13
N PHE A 380 15.28 0.84 -12.38
CA PHE A 380 15.13 0.35 -11.00
C PHE A 380 14.21 -0.86 -11.01
N GLY A 381 14.63 -1.89 -10.28
CA GLY A 381 13.83 -3.11 -10.25
C GLY A 381 12.66 -3.07 -9.27
N GLY A 382 11.64 -3.83 -9.58
CA GLY A 382 10.46 -3.86 -8.72
C GLY A 382 10.44 -5.00 -7.73
N ILE A 383 11.44 -5.84 -7.77
CA ILE A 383 11.65 -6.89 -6.77
C ILE A 383 12.94 -6.51 -6.06
N GLN A 384 12.92 -6.36 -4.73
CA GLN A 384 14.04 -5.88 -3.94
C GLN A 384 14.20 -6.76 -2.71
N SER A 385 15.38 -6.73 -2.11
CA SER A 385 15.60 -7.49 -0.88
C SER A 385 14.90 -6.89 0.32
N SER A 386 14.35 -7.73 1.16
CA SER A 386 13.80 -7.34 2.46
C SER A 386 14.83 -7.38 3.56
N ALA A 387 16.07 -7.77 3.27
N ALA A 387 16.08 -7.73 3.27
N ALA A 387 16.07 -7.77 3.27
N ALA A 387 16.07 -7.74 3.27
CA ALA A 387 17.12 -7.81 4.30
CA ALA A 387 17.06 -8.04 4.32
CA ALA A 387 17.11 -7.81 4.30
CA ALA A 387 17.05 -8.04 4.34
C ALA A 387 17.31 -6.40 4.89
C ALA A 387 17.20 -6.87 5.32
C ALA A 387 17.30 -6.41 4.90
C ALA A 387 17.17 -6.86 5.32
N GLY A 388 17.12 -6.26 6.21
N GLY A 388 17.07 -5.62 4.87
N GLY A 388 17.12 -6.28 6.21
N GLY A 388 17.08 -5.62 4.84
CA GLY A 388 17.23 -4.98 6.90
CA GLY A 388 17.24 -4.41 5.70
CA GLY A 388 17.24 -5.00 6.91
CA GLY A 388 17.25 -4.39 5.66
C GLY A 388 15.87 -4.40 7.20
C GLY A 388 15.94 -3.92 6.30
C GLY A 388 15.88 -4.40 7.19
C GLY A 388 15.98 -4.00 6.42
N ILE A 389 14.84 -4.77 6.43
N ILE A 389 14.87 -4.72 6.28
N ILE A 389 14.84 -4.79 6.44
N ILE A 389 14.87 -4.74 6.26
CA ILE A 389 13.43 -4.34 6.70
CA ILE A 389 13.47 -4.33 6.68
CA ILE A 389 13.44 -4.34 6.71
CA ILE A 389 13.49 -4.33 6.67
C ILE A 389 12.90 -5.12 7.90
C ILE A 389 12.97 -5.10 7.90
C ILE A 389 12.90 -5.12 7.90
C ILE A 389 12.98 -5.10 7.90
N GLY A 390 13.25 -6.40 8.00
CA GLY A 390 12.79 -7.27 9.09
C GLY A 390 11.46 -7.94 8.79
N ILE A 391 10.91 -7.74 7.58
CA ILE A 391 9.67 -8.41 7.12
C ILE A 391 9.65 -8.45 5.58
N ASN A 392 9.07 -9.49 5.03
CA ASN A 392 8.81 -9.58 3.58
C ASN A 392 7.52 -8.83 3.30
N ILE A 393 7.47 -8.16 2.18
CA ILE A 393 6.31 -7.29 1.86
C ILE A 393 5.84 -7.58 0.46
N PHE A 394 4.63 -8.12 0.34
CA PHE A 394 3.93 -8.31 -0.92
C PHE A 394 3.23 -7.01 -1.21
N GLY A 395 3.93 -6.04 -1.78
CA GLY A 395 3.38 -4.74 -2.10
C GLY A 395 2.76 -4.76 -3.50
N ASP A 396 2.50 -3.60 -4.01
CA ASP A 396 1.68 -3.45 -5.22
C ASP A 396 2.17 -4.26 -6.39
N VAL A 397 3.47 -4.38 -6.63
CA VAL A 397 4.01 -5.21 -7.72
C VAL A 397 3.40 -6.61 -7.69
N ALA A 398 3.25 -7.18 -6.54
CA ALA A 398 2.67 -8.52 -6.42
C ALA A 398 1.14 -8.43 -6.41
N LEU A 399 0.55 -7.52 -5.65
CA LEU A 399 -0.91 -7.51 -5.46
C LEU A 399 -1.62 -7.14 -6.75
N LYS A 400 -1.03 -6.29 -7.58
N LYS A 400 -1.04 -6.28 -7.58
N LYS A 400 -1.03 -6.29 -7.58
N LYS A 400 -1.04 -6.28 -7.58
CA LYS A 400 -1.73 -5.88 -8.82
CA LYS A 400 -1.73 -5.87 -8.83
CA LYS A 400 -1.73 -5.88 -8.82
CA LYS A 400 -1.73 -5.87 -8.83
C LYS A 400 -1.81 -7.03 -9.82
C LYS A 400 -1.81 -7.02 -9.84
C LYS A 400 -1.81 -7.03 -9.82
C LYS A 400 -1.82 -7.03 -9.84
N ALA A 401 -1.05 -8.11 -9.65
CA ALA A 401 -1.14 -9.32 -10.48
C ALA A 401 -2.34 -10.19 -10.04
N ALA A 402 -3.06 -9.84 -8.99
CA ALA A 402 -4.13 -10.70 -8.46
C ALA A 402 -5.35 -9.90 -8.07
N PHE A 403 -6.46 -10.62 -7.93
CA PHE A 403 -7.64 -10.16 -7.21
C PHE A 403 -7.49 -10.62 -5.77
N VAL A 404 -7.43 -9.71 -4.81
CA VAL A 404 -7.07 -10.02 -3.44
C VAL A 404 -8.28 -9.78 -2.52
N VAL A 405 -8.64 -10.80 -1.76
CA VAL A 405 -9.69 -10.72 -0.72
C VAL A 405 -9.11 -10.63 0.67
N PHE A 406 -9.47 -9.56 1.34
CA PHE A 406 -9.09 -9.33 2.74
C PHE A 406 -10.34 -9.71 3.56
N ASN A 407 -10.32 -10.94 4.05
CA ASN A 407 -11.49 -11.51 4.79
C ASN A 407 -11.32 -11.20 6.28
N GLY A 408 -12.15 -10.28 6.80
CA GLY A 408 -12.14 -9.85 8.20
C GLY A 408 -13.16 -10.60 9.07
N ALA A 409 -13.49 -11.81 8.74
CA ALA A 409 -14.30 -12.70 9.62
C ALA A 409 -13.54 -12.96 10.92
N THR A 410 -14.21 -13.61 11.90
CA THR A 410 -13.63 -13.70 13.26
C THR A 410 -12.22 -14.29 13.17
N THR A 411 -12.04 -15.28 12.32
CA THR A 411 -10.69 -15.80 11.92
C THR A 411 -10.35 -15.21 10.55
N PRO A 412 -9.54 -14.14 10.51
CA PRO A 412 -9.24 -13.53 9.19
C PRO A 412 -8.46 -14.45 8.28
N THR A 413 -8.68 -14.30 6.97
CA THR A 413 -7.93 -15.02 5.93
C THR A 413 -7.70 -14.08 4.76
N LEU A 414 -6.73 -14.40 3.90
N LEU A 414 -6.94 -14.56 3.79
N LEU A 414 -6.73 -14.40 3.90
N LEU A 414 -6.94 -14.56 3.79
CA LEU A 414 -6.50 -13.73 2.60
CA LEU A 414 -6.53 -13.77 2.62
CA LEU A 414 -6.50 -13.73 2.60
CA LEU A 414 -6.53 -13.77 2.62
C LEU A 414 -6.92 -14.67 1.48
C LEU A 414 -6.70 -14.62 1.38
C LEU A 414 -6.92 -14.68 1.48
C LEU A 414 -6.70 -14.62 1.38
N GLY A 415 -7.45 -14.14 0.40
CA GLY A 415 -7.74 -14.88 -0.81
C GLY A 415 -7.03 -14.27 -1.99
N PHE A 416 -6.48 -15.07 -2.87
CA PHE A 416 -5.87 -14.62 -4.13
C PHE A 416 -6.49 -15.33 -5.30
N ALA A 417 -6.80 -14.63 -6.37
CA ALA A 417 -7.23 -15.18 -7.65
C ALA A 417 -6.41 -14.53 -8.75
N SER A 418 -6.21 -15.23 -9.82
CA SER A 418 -5.69 -14.64 -11.08
C SER A 418 -6.78 -13.78 -11.67
N LYS A 419 -6.40 -12.92 -12.62
CA LYS A 419 -7.42 -12.06 -13.24
C LYS A 419 -6.99 -11.68 -14.67
#